data_5SBM
#
_entry.id   5SBM
#
_cell.length_a   30.810
_cell.length_b   81.460
_cell.length_c   31.970
_cell.angle_alpha   90.000
_cell.angle_beta   117.900
_cell.angle_gamma   90.000
#
_symmetry.space_group_name_H-M   'P 1 21 1'
#
loop_
_entity.id
_entity.type
_entity.pdbx_description
1 polymer 'CD44 antigen'
2 non-polymer 'DIMETHYL SULFOXIDE'
3 non-polymer 1,2-ETHANEDIOL
4 non-polymer (3S)-3-methyl-1-(6-methylpyridin-2-yl)piperazine
5 water water
#
_entity_poly.entity_id   1
_entity_poly.type   'polypeptide(L)'
_entity_poly.pdbx_seq_one_letter_code
;MNQIDLNVTCRYAGVFHVEKNGRYSISRTEAADLCQAFNSTLPTMDQMKLALSKGFETCRYGFIEGNVVIPRIHPNAICA
ANHTGVYILVTSNTSHYDTYCFNASAPPEEDCTSVTDLPNSFDGPVTITIVNRDGTRYSKKGEYRTHQEDID
;
_entity_poly.pdbx_strand_id   A
#
# COMPACT_ATOMS: atom_id res chain seq x y z
N ASN A 2 -5.53 16.11 -13.48
CA ASN A 2 -5.36 15.94 -12.02
C ASN A 2 -5.64 14.49 -11.72
N GLN A 3 -4.60 13.65 -11.79
CA GLN A 3 -4.78 12.22 -11.73
C GLN A 3 -3.76 11.58 -10.82
N ILE A 4 -4.20 10.55 -10.10
CA ILE A 4 -3.33 9.76 -9.23
C ILE A 4 -3.59 8.32 -9.56
N ASP A 5 -2.55 7.55 -9.81
N ASP A 5 -2.53 7.53 -9.74
CA ASP A 5 -2.61 6.11 -10.05
CA ASP A 5 -2.64 6.11 -9.97
C ASP A 5 -2.19 5.46 -8.75
C ASP A 5 -2.15 5.39 -8.77
N LEU A 6 -2.94 4.46 -8.30
CA LEU A 6 -2.60 3.68 -7.11
C LEU A 6 -2.52 2.26 -7.52
N ASN A 7 -1.29 1.72 -7.64
CA ASN A 7 -1.13 0.31 -7.98
C ASN A 7 -1.26 -0.49 -6.71
N VAL A 8 -2.14 -1.48 -6.70
CA VAL A 8 -2.40 -2.29 -5.51
C VAL A 8 -2.19 -3.74 -5.77
N THR A 9 -1.94 -4.48 -4.70
CA THR A 9 -1.71 -5.90 -4.77
C THR A 9 -2.86 -6.73 -4.23
N CYS A 10 -2.69 -8.06 -4.31
CA CYS A 10 -3.40 -9.04 -3.49
C CYS A 10 -3.35 -8.59 -2.03
N ARG A 11 -4.34 -9.00 -1.28
CA ARG A 11 -4.30 -8.84 0.17
C ARG A 11 -3.89 -10.17 0.77
N TYR A 12 -3.11 -10.12 1.83
CA TYR A 12 -2.70 -11.30 2.58
C TYR A 12 -3.03 -11.06 4.01
N ALA A 13 -4.02 -11.78 4.54
CA ALA A 13 -4.49 -11.49 5.90
C ALA A 13 -4.82 -10.00 6.07
N GLY A 14 -5.37 -9.42 4.99
CA GLY A 14 -5.82 -8.03 4.97
C GLY A 14 -4.77 -7.02 4.60
N VAL A 15 -3.51 -7.42 4.50
CA VAL A 15 -2.45 -6.48 4.22
C VAL A 15 -2.18 -6.43 2.71
N PHE A 16 -2.01 -5.22 2.18
CA PHE A 16 -1.70 -5.05 0.79
C PHE A 16 -0.75 -3.88 0.62
N HIS A 17 -0.14 -3.82 -0.56
CA HIS A 17 0.82 -2.80 -0.89
C HIS A 17 0.16 -1.82 -1.86
N VAL A 18 0.50 -0.55 -1.71
CA VAL A 18 0.00 0.51 -2.59
C VAL A 18 1.19 1.34 -3.03
N GLU A 19 1.36 1.50 -4.34
CA GLU A 19 2.41 2.32 -4.93
C GLU A 19 1.71 3.43 -5.66
N LYS A 20 2.06 4.66 -5.34
CA LYS A 20 1.46 5.82 -5.98
CA LYS A 20 1.45 5.81 -6.00
C LYS A 20 2.26 6.33 -7.16
N ASN A 21 1.60 6.49 -8.32
CA ASN A 21 2.22 7.09 -9.51
C ASN A 21 3.51 6.46 -9.95
N GLY A 22 3.65 5.18 -9.71
CA GLY A 22 4.77 4.40 -10.23
C GLY A 22 6.12 4.80 -9.70
N ARG A 23 6.16 5.46 -8.55
CA ARG A 23 7.43 5.83 -7.94
CA ARG A 23 7.40 5.98 -7.95
C ARG A 23 7.23 5.98 -6.44
N TYR A 24 8.33 5.97 -5.69
CA TYR A 24 8.24 6.15 -4.22
C TYR A 24 7.81 7.61 -4.04
N SER A 25 6.59 7.82 -3.58
CA SER A 25 6.06 9.20 -3.60
C SER A 25 5.10 9.49 -2.47
N ILE A 26 5.04 8.62 -1.46
CA ILE A 26 4.10 8.77 -0.37
C ILE A 26 4.80 9.15 0.91
N SER A 27 4.33 10.20 1.55
CA SER A 27 4.85 10.55 2.87
C SER A 27 4.14 9.75 3.94
N ARG A 28 4.64 9.76 5.19
CA ARG A 28 3.98 9.00 6.25
C ARG A 28 2.58 9.55 6.49
N THR A 29 2.39 10.88 6.46
CA THR A 29 1.04 11.43 6.66
C THR A 29 0.13 11.03 5.52
N GLU A 30 0.61 11.07 4.28
CA GLU A 30 -0.22 10.69 3.13
CA GLU A 30 -0.24 10.70 3.17
C GLU A 30 -0.60 9.22 3.22
N ALA A 31 0.32 8.39 3.67
CA ALA A 31 0.08 6.97 3.75
C ALA A 31 -1.08 6.64 4.66
N ALA A 32 -1.15 7.31 5.81
CA ALA A 32 -2.26 7.03 6.72
C ALA A 32 -3.58 7.46 6.08
N ASP A 33 -3.57 8.59 5.37
CA ASP A 33 -4.78 9.06 4.70
C ASP A 33 -5.16 8.15 3.57
N LEU A 34 -4.19 7.63 2.85
CA LEU A 34 -4.45 6.75 1.73
CA LEU A 34 -4.41 6.74 1.72
C LEU A 34 -5.05 5.46 2.22
N CYS A 35 -4.49 4.85 3.28
CA CYS A 35 -5.11 3.63 3.80
C CYS A 35 -6.51 3.91 4.31
N GLN A 36 -6.72 5.08 4.90
CA GLN A 36 -8.06 5.43 5.40
C GLN A 36 -9.07 5.46 4.25
N ALA A 37 -8.65 5.86 3.06
CA ALA A 37 -9.56 5.86 1.89
C ALA A 37 -9.96 4.45 1.48
N PHE A 38 -9.16 3.45 1.84
CA PHE A 38 -9.51 2.05 1.62
C PHE A 38 -10.14 1.44 2.89
N ASN A 39 -10.66 2.25 3.83
CA ASN A 39 -11.18 1.74 5.10
C ASN A 39 -10.16 0.86 5.79
N SER A 40 -8.90 1.29 5.70
CA SER A 40 -7.78 0.51 6.16
C SER A 40 -6.89 1.37 7.03
N THR A 41 -5.89 0.73 7.64
CA THR A 41 -4.94 1.43 8.48
C THR A 41 -3.57 0.98 8.09
N LEU A 42 -2.53 1.68 8.55
CA LEU A 42 -1.17 1.17 8.34
CA LEU A 42 -1.15 1.21 8.37
C LEU A 42 -1.03 -0.10 9.15
N PRO A 43 -0.51 -1.17 8.57
CA PRO A 43 -0.42 -2.42 9.34
C PRO A 43 0.49 -2.29 10.54
N THR A 44 0.20 -3.04 11.59
CA THR A 44 1.19 -3.18 12.66
C THR A 44 2.23 -4.17 12.16
N MET A 45 3.37 -4.23 12.84
CA MET A 45 4.39 -5.21 12.52
C MET A 45 3.83 -6.64 12.66
N ASP A 46 3.00 -6.89 13.69
CA ASP A 46 2.42 -8.22 13.83
C ASP A 46 1.50 -8.55 12.67
N GLN A 47 0.69 -7.57 12.23
CA GLN A 47 -0.20 -7.83 11.09
C GLN A 47 0.64 -8.12 9.84
N MET A 48 1.72 -7.38 9.64
CA MET A 48 2.57 -7.61 8.49
C MET A 48 3.26 -8.98 8.56
N LYS A 49 3.73 -9.39 9.77
CA LYS A 49 4.35 -10.69 9.87
C LYS A 49 3.35 -11.79 9.55
N LEU A 50 2.08 -11.63 9.95
CA LEU A 50 1.12 -12.69 9.64
C LEU A 50 0.83 -12.70 8.15
N ALA A 51 0.76 -11.51 7.52
CA ALA A 51 0.60 -11.46 6.05
C ALA A 51 1.74 -12.16 5.34
N LEU A 52 2.99 -11.90 5.76
CA LEU A 52 4.18 -12.56 5.20
CA LEU A 52 4.13 -12.55 5.14
C LEU A 52 3.99 -14.08 5.28
N SER A 53 3.55 -14.55 6.44
CA SER A 53 3.40 -16.00 6.62
C SER A 53 2.38 -16.62 5.69
N LYS A 54 1.43 -15.80 5.20
CA LYS A 54 0.41 -16.28 4.27
C LYS A 54 0.83 -16.17 2.81
N GLY A 55 2.03 -15.64 2.54
CA GLY A 55 2.49 -15.56 1.16
C GLY A 55 2.82 -14.18 0.66
N PHE A 56 2.74 -13.14 1.50
CA PHE A 56 3.03 -11.79 1.04
C PHE A 56 4.48 -11.45 0.95
N GLU A 57 4.89 -10.98 -0.23
CA GLU A 57 6.19 -10.37 -0.38
C GLU A 57 6.11 -9.33 -1.45
N THR A 58 6.94 -8.30 -1.31
CA THR A 58 7.08 -7.28 -2.37
C THR A 58 8.57 -6.99 -2.53
N CYS A 59 8.92 -6.16 -3.49
CA CYS A 59 10.27 -5.69 -3.61
C CYS A 59 10.31 -4.17 -3.47
N ARG A 60 9.45 -3.62 -2.61
CA ARG A 60 9.37 -2.18 -2.48
C ARG A 60 9.24 -1.77 -1.03
N TYR A 61 9.94 -0.70 -0.64
CA TYR A 61 9.78 -0.13 0.69
C TYR A 61 8.41 0.49 0.85
N GLY A 62 7.79 0.26 1.99
CA GLY A 62 6.52 0.90 2.27
C GLY A 62 6.30 1.05 3.76
N PHE A 63 5.52 2.08 4.11
CA PHE A 63 5.23 2.30 5.51
C PHE A 63 4.35 1.20 6.07
N ILE A 64 4.67 0.86 7.32
CA ILE A 64 3.77 0.20 8.24
C ILE A 64 3.71 1.17 9.44
N GLU A 65 2.98 0.81 10.50
CA GLU A 65 3.00 1.60 11.72
C GLU A 65 4.40 1.48 12.32
N GLY A 66 5.09 2.60 12.43
CA GLY A 66 6.37 2.67 13.10
C GLY A 66 7.61 2.46 12.29
N ASN A 67 7.51 1.87 11.11
CA ASN A 67 8.70 1.58 10.32
C ASN A 67 8.38 1.57 8.86
N VAL A 68 9.43 1.49 8.05
CA VAL A 68 9.35 1.32 6.61
C VAL A 68 9.98 -0.04 6.34
N VAL A 69 9.25 -0.92 5.63
CA VAL A 69 9.65 -2.29 5.51
C VAL A 69 9.47 -2.84 4.12
N ILE A 70 10.06 -4.02 3.89
CA ILE A 70 9.83 -4.84 2.74
C ILE A 70 9.58 -6.25 3.25
N PRO A 71 8.39 -6.84 3.03
CA PRO A 71 8.19 -8.25 3.41
C PRO A 71 8.83 -9.13 2.34
N ARG A 72 9.68 -10.07 2.76
CA ARG A 72 10.36 -10.96 1.83
C ARG A 72 10.20 -12.41 2.18
N ILE A 73 9.87 -13.22 1.20
CA ILE A 73 9.83 -14.66 1.41
C ILE A 73 11.05 -15.26 0.77
N HIS A 74 11.27 -14.97 -0.52
CA HIS A 74 12.38 -15.57 -1.25
C HIS A 74 13.54 -14.65 -1.29
N PRO A 75 14.75 -15.12 -0.96
CA PRO A 75 15.91 -14.21 -1.02
C PRO A 75 16.15 -13.77 -2.46
N ASN A 76 16.27 -12.46 -2.64
CA ASN A 76 16.59 -11.90 -3.94
C ASN A 76 17.58 -10.80 -3.65
N ALA A 77 18.75 -10.82 -4.32
CA ALA A 77 19.80 -9.85 -4.06
C ALA A 77 19.40 -8.40 -4.24
N ILE A 78 18.42 -8.14 -5.11
CA ILE A 78 18.00 -6.75 -5.36
C ILE A 78 16.74 -6.36 -4.57
N CYS A 79 16.27 -7.22 -3.65
CA CYS A 79 15.11 -6.90 -2.84
C CYS A 79 15.52 -7.06 -1.41
N ALA A 80 15.65 -5.96 -0.69
CA ALA A 80 16.01 -5.98 0.73
C ALA A 80 17.32 -6.70 0.98
N ALA A 81 18.31 -6.46 0.10
CA ALA A 81 19.66 -7.02 0.26
C ALA A 81 19.67 -8.53 0.57
N ASN A 82 18.82 -9.30 -0.12
CA ASN A 82 18.76 -10.75 0.00
C ASN A 82 18.16 -11.29 1.31
N HIS A 83 17.59 -10.41 2.13
CA HIS A 83 17.01 -10.86 3.39
C HIS A 83 15.65 -11.50 3.17
N THR A 84 15.24 -12.29 4.16
CA THR A 84 13.90 -12.81 4.24
C THR A 84 13.25 -12.26 5.51
N GLY A 85 11.94 -12.44 5.62
CA GLY A 85 11.18 -11.93 6.74
C GLY A 85 10.79 -10.49 6.46
N VAL A 86 10.26 -9.82 7.46
CA VAL A 86 9.94 -8.42 7.32
C VAL A 86 11.25 -7.66 7.44
N TYR A 87 11.75 -7.13 6.34
CA TYR A 87 13.01 -6.40 6.34
C TYR A 87 12.70 -4.99 6.74
N ILE A 88 13.39 -4.49 7.75
CA ILE A 88 13.17 -3.12 8.22
C ILE A 88 14.22 -2.20 7.68
N LEU A 89 13.80 -1.13 7.02
CA LEU A 89 14.75 -0.10 6.56
C LEU A 89 15.33 0.58 7.79
N VAL A 90 16.66 0.66 7.86
CA VAL A 90 17.34 1.27 9.01
C VAL A 90 17.85 2.64 8.67
N THR A 91 18.56 2.78 7.53
CA THR A 91 19.22 4.04 7.23
C THR A 91 18.83 4.53 5.88
N SER A 92 18.23 5.71 5.83
CA SER A 92 17.88 6.33 4.57
C SER A 92 17.91 7.82 4.77
N ASN A 93 18.30 8.55 3.74
CA ASN A 93 18.25 10.02 3.85
C ASN A 93 16.83 10.53 3.68
N THR A 94 15.97 9.78 2.97
CA THR A 94 14.74 10.29 2.40
C THR A 94 13.49 9.80 3.07
N SER A 95 12.36 10.46 2.77
CA SER A 95 11.13 10.30 3.51
C SER A 95 9.98 9.69 2.78
N HIS A 96 10.08 9.48 1.46
CA HIS A 96 8.93 9.08 0.66
C HIS A 96 9.05 7.68 0.15
N TYR A 97 8.00 6.89 0.41
CA TYR A 97 8.07 5.48 0.05
C TYR A 97 6.73 5.09 -0.54
N ASP A 98 6.50 3.78 -0.68
CA ASP A 98 5.14 3.32 -0.98
C ASP A 98 4.46 3.14 0.41
N THR A 99 3.27 2.55 0.44
CA THR A 99 2.68 2.19 1.73
C THR A 99 2.12 0.82 1.69
N TYR A 100 2.01 0.25 2.89
CA TYR A 100 1.18 -0.92 3.09
C TYR A 100 -0.08 -0.44 3.81
N CYS A 101 -1.17 -1.18 3.61
CA CYS A 101 -2.46 -0.91 4.26
C CYS A 101 -2.99 -2.23 4.77
N PHE A 102 -3.85 -2.16 5.76
CA PHE A 102 -4.46 -3.32 6.39
C PHE A 102 -5.96 -3.10 6.47
N ASN A 103 -6.72 -4.00 5.86
CA ASN A 103 -8.17 -3.98 5.86
CA ASN A 103 -8.16 -3.96 5.92
C ASN A 103 -8.61 -5.18 6.70
N ALA A 104 -9.14 -4.93 7.89
CA ALA A 104 -9.58 -5.99 8.76
C ALA A 104 -10.70 -6.83 8.21
N SER A 105 -11.48 -6.32 7.23
CA SER A 105 -12.60 -7.07 6.66
CA SER A 105 -12.59 -7.10 6.68
C SER A 105 -12.22 -7.95 5.48
N ALA A 106 -10.96 -7.92 5.06
CA ALA A 106 -10.48 -8.74 3.96
C ALA A 106 -10.44 -10.19 4.41
N PRO A 107 -10.26 -11.12 3.47
CA PRO A 107 -10.17 -12.54 3.84
C PRO A 107 -8.94 -12.82 4.71
N PRO A 108 -8.98 -13.93 5.47
CA PRO A 108 -7.88 -14.19 6.40
C PRO A 108 -6.56 -14.60 5.75
N GLU A 109 -6.61 -15.17 4.55
CA GLU A 109 -5.37 -15.64 3.95
C GLU A 109 -5.10 -14.90 2.63
N GLU A 110 -4.67 -15.56 1.58
CA GLU A 110 -4.39 -14.88 0.32
C GLU A 110 -5.66 -14.53 -0.37
N ASP A 111 -5.79 -13.28 -0.74
CA ASP A 111 -6.91 -12.81 -1.54
C ASP A 111 -6.35 -12.09 -2.73
N CYS A 112 -6.28 -12.78 -3.85
CA CYS A 112 -5.76 -12.21 -5.08
C CYS A 112 -6.84 -11.84 -6.04
N THR A 113 -8.03 -11.54 -5.54
CA THR A 113 -9.01 -10.88 -6.37
C THR A 113 -8.58 -9.43 -6.51
N SER A 114 -9.17 -8.75 -7.49
CA SER A 114 -8.86 -7.36 -7.72
C SER A 114 -9.64 -6.44 -6.81
N VAL A 115 -9.07 -5.24 -6.65
CA VAL A 115 -9.68 -4.16 -5.88
C VAL A 115 -10.56 -3.37 -6.83
N THR A 116 -11.81 -3.20 -6.44
CA THR A 116 -12.81 -2.58 -7.30
C THR A 116 -13.53 -1.40 -6.69
N ASP A 117 -12.96 -0.82 -5.61
CA ASP A 117 -13.57 0.33 -4.96
C ASP A 117 -12.50 1.07 -4.16
N LEU A 118 -12.77 2.36 -3.90
CA LEU A 118 -11.97 3.20 -3.00
C LEU A 118 -13.10 3.75 -2.13
N PRO A 119 -13.50 2.99 -1.10
CA PRO A 119 -14.79 3.26 -0.45
C PRO A 119 -14.88 4.46 0.42
N ASN A 120 -13.75 4.96 0.89
CA ASN A 120 -13.77 6.04 1.86
C ASN A 120 -13.00 7.24 1.44
N SER A 121 -12.86 7.46 0.12
CA SER A 121 -12.31 8.72 -0.35
C SER A 121 -13.38 9.80 -0.13
N PHE A 122 -12.96 11.03 -0.13
CA PHE A 122 -13.90 12.11 0.07
C PHE A 122 -14.05 12.91 -1.20
N ASP A 123 -14.98 13.86 -1.21
CA ASP A 123 -15.20 14.71 -2.36
C ASP A 123 -13.91 15.44 -2.72
N GLY A 124 -13.66 15.56 -4.01
CA GLY A 124 -12.48 16.29 -4.45
C GLY A 124 -12.33 16.24 -5.93
N PRO A 125 -11.26 16.87 -6.43
CA PRO A 125 -11.15 17.06 -7.87
C PRO A 125 -10.26 16.07 -8.59
N VAL A 126 -9.63 15.14 -7.89
CA VAL A 126 -8.65 14.26 -8.49
C VAL A 126 -9.29 13.03 -9.10
N THR A 127 -8.84 12.61 -10.29
CA THR A 127 -9.27 11.32 -10.81
C THR A 127 -8.30 10.30 -10.22
N ILE A 128 -8.78 9.47 -9.34
CA ILE A 128 -7.96 8.49 -8.66
C ILE A 128 -8.24 7.17 -9.32
N THR A 129 -7.19 6.54 -9.85
CA THR A 129 -7.34 5.25 -10.49
C THR A 129 -6.62 4.17 -9.73
N ILE A 130 -7.36 3.16 -9.34
CA ILE A 130 -6.79 1.96 -8.72
CA ILE A 130 -6.81 1.97 -8.72
C ILE A 130 -6.41 1.05 -9.86
N VAL A 131 -5.15 0.67 -9.90
CA VAL A 131 -4.62 -0.20 -10.93
C VAL A 131 -4.23 -1.52 -10.29
N ASN A 132 -4.89 -2.59 -10.68
CA ASN A 132 -4.58 -3.91 -10.18
C ASN A 132 -3.42 -4.49 -10.95
N ARG A 133 -2.81 -5.54 -10.41
CA ARG A 133 -1.68 -6.16 -11.06
CA ARG A 133 -1.67 -6.15 -11.08
C ARG A 133 -2.08 -6.79 -12.39
N ASP A 134 -3.35 -7.24 -12.49
CA ASP A 134 -3.87 -7.79 -13.75
C ASP A 134 -4.32 -6.70 -14.72
N GLY A 135 -4.08 -5.42 -14.39
CA GLY A 135 -4.35 -4.30 -15.27
C GLY A 135 -5.76 -3.76 -15.13
N THR A 136 -6.65 -4.48 -14.49
CA THR A 136 -8.01 -3.97 -14.31
C THR A 136 -7.98 -2.73 -13.47
N ARG A 137 -8.84 -1.77 -13.81
CA ARG A 137 -8.82 -0.48 -13.17
CA ARG A 137 -8.83 -0.48 -13.17
C ARG A 137 -10.16 -0.06 -12.63
N TYR A 138 -10.12 0.74 -11.57
CA TYR A 138 -11.31 1.34 -11.00
C TYR A 138 -10.95 2.81 -10.81
N SER A 139 -11.77 3.73 -11.32
CA SER A 139 -11.47 5.14 -11.20
C SER A 139 -12.59 5.86 -10.54
N LYS A 140 -12.27 6.89 -9.77
CA LYS A 140 -13.29 7.70 -9.12
CA LYS A 140 -13.24 7.65 -9.02
C LYS A 140 -12.71 9.06 -8.85
N LYS A 141 -13.55 10.06 -8.96
CA LYS A 141 -13.15 11.44 -8.72
C LYS A 141 -13.25 11.65 -7.22
N GLY A 142 -12.20 12.19 -6.61
CA GLY A 142 -12.23 12.42 -5.18
C GLY A 142 -10.93 12.99 -4.69
N GLU A 143 -10.72 12.77 -3.41
CA GLU A 143 -9.49 13.18 -2.74
C GLU A 143 -9.38 12.28 -1.51
N TYR A 144 -8.16 12.09 -1.04
CA TYR A 144 -7.94 11.37 0.21
C TYR A 144 -6.91 12.09 1.09
N ARG A 145 -6.16 13.06 0.56
CA ARG A 145 -5.10 13.73 1.32
C ARG A 145 -5.69 14.79 2.20
N THR A 146 -5.41 14.73 3.48
CA THR A 146 -5.91 15.72 4.44
C THR A 146 -4.85 16.74 4.84
N HIS A 147 -3.58 16.54 4.44
CA HIS A 147 -2.50 17.46 4.81
C HIS A 147 -2.09 18.23 3.56
N GLN A 148 -2.18 19.57 3.56
CA GLN A 148 -1.83 20.37 2.41
C GLN A 148 -0.44 20.12 1.85
N GLU A 149 0.56 19.89 2.74
CA GLU A 149 1.93 19.66 2.27
C GLU A 149 2.10 18.37 1.47
N ASP A 150 1.11 17.47 1.50
CA ASP A 150 1.14 16.27 0.67
C ASP A 150 0.49 16.49 -0.70
N ILE A 151 -0.12 17.66 -0.96
CA ILE A 151 -0.79 17.92 -2.22
C ILE A 151 0.06 18.77 -3.14
#